data_1RP1
#
_entry.id   1RP1
#
_cell.length_a   54.026
_cell.length_b   150.748
_cell.length_c   132.006
_cell.angle_alpha   90.00
_cell.angle_beta   90.00
_cell.angle_gamma   90.00
#
_symmetry.space_group_name_H-M   'C 2 2 21'
#
loop_
_entity.id
_entity.type
_entity.pdbx_description
1 polymer 'PANCREATIC LIPASE RELATED PROTEIN 1'
2 non-polymer 2-acetamido-2-deoxy-beta-D-glucopyranose
3 non-polymer 'CALCIUM ION'
4 water water
#
_entity_poly.entity_id   1
_entity_poly.type   'polypeptide(L)'
_entity_poly.pdbx_seq_one_letter_code
;KEVCYEQIGCFSDAEPWAGTAIRPLKVLPWSPERIGTRFLLYTNKNPNNFQTLLPSDPSTIGASNFQTDKKTRFIIHGFI
DKGEENWLLDMCKNMFKVEEVNCICVDWKKGSQTSYTQAANNVRVVGAQVAQMLSMLSANYSYSPSQVQLIGHSLGAHVA
GEAGSRTPGLGRITGLDPVEASFQGTPEEVRLDPTDADFVDVIHTDAAPLIPFLGFGTSQQMGHLDFFPNGGEEMPGCKK
NALSQIVDLDGIWEGTRDFVACNHLRSYKYYSESILNPDGFASYPCASYRAFESNKCFPCPDQGCPQMGHYADKFAVKTS
DETQKYFLNTGDSSNFARWRYGVSITLSGKRATGQAKVALFGSKGNTHQFNIFKGILKPGSTHSNEFDAKLDVGTIEKVK
FLWNNNVVNPTFPKVGAAKITVQKGEEKTVHSFCSESTVREDVLLTLTPC
;
_entity_poly.pdbx_strand_id   A
#
loop_
_chem_comp.id
_chem_comp.type
_chem_comp.name
_chem_comp.formula
CA non-polymer 'CALCIUM ION' 'Ca 2'
NAG D-saccharide, beta linking 2-acetamido-2-deoxy-beta-D-glucopyranose 'C8 H15 N O6'
#
# COMPACT_ATOMS: atom_id res chain seq x y z
N LYS A 1 -24.47 -3.99 -29.22
CA LYS A 1 -25.35 -2.99 -28.55
C LYS A 1 -24.46 -1.89 -27.99
N GLU A 2 -25.03 -0.71 -27.81
CA GLU A 2 -24.27 0.42 -27.32
C GLU A 2 -25.18 1.36 -26.54
N VAL A 3 -24.67 1.89 -25.43
CA VAL A 3 -25.43 2.85 -24.63
C VAL A 3 -24.64 4.15 -24.61
N CYS A 4 -25.34 5.26 -24.76
CA CYS A 4 -24.72 6.57 -24.77
C CYS A 4 -25.33 7.43 -23.71
N TYR A 5 -24.48 8.08 -22.94
CA TYR A 5 -24.94 8.93 -21.86
C TYR A 5 -24.49 10.37 -22.10
N GLU A 6 -25.30 11.32 -21.67
CA GLU A 6 -24.99 12.73 -21.84
C GLU A 6 -23.58 13.10 -21.39
N GLN A 7 -22.87 13.84 -22.25
CA GLN A 7 -21.52 14.34 -21.98
C GLN A 7 -20.39 13.35 -21.75
N ILE A 8 -20.69 12.08 -21.49
CA ILE A 8 -19.62 11.12 -21.25
C ILE A 8 -19.45 10.10 -22.37
N GLY A 9 -20.19 10.32 -23.45
CA GLY A 9 -20.09 9.43 -24.60
C GLY A 9 -20.84 8.12 -24.56
N CYS A 10 -20.35 7.15 -25.33
CA CYS A 10 -20.97 5.83 -25.45
C CYS A 10 -20.08 4.69 -24.97
N PHE A 11 -20.72 3.55 -24.67
CA PHE A 11 -20.04 2.34 -24.20
C PHE A 11 -20.69 1.17 -24.91
N SER A 12 -19.90 0.31 -25.53
CA SER A 12 -20.42 -0.85 -26.21
C SER A 12 -20.03 -2.11 -25.47
N ASP A 13 -20.67 -3.22 -25.83
CA ASP A 13 -20.37 -4.51 -25.23
C ASP A 13 -19.52 -5.32 -26.21
N ALA A 14 -18.92 -4.61 -27.17
CA ALA A 14 -18.06 -5.23 -28.16
C ALA A 14 -16.79 -5.65 -27.42
N GLU A 15 -15.98 -6.48 -28.05
CA GLU A 15 -14.74 -6.92 -27.45
C GLU A 15 -13.83 -5.68 -27.38
N PRO A 16 -12.99 -5.57 -26.34
CA PRO A 16 -12.78 -6.51 -25.22
C PRO A 16 -13.70 -6.33 -24.00
N TRP A 17 -14.79 -5.59 -24.15
CA TRP A 17 -15.67 -5.35 -23.01
C TRP A 17 -16.49 -6.56 -22.63
N ALA A 18 -16.80 -7.37 -23.63
CA ALA A 18 -17.57 -8.61 -23.47
C ALA A 18 -17.30 -9.50 -24.70
N GLY A 19 -17.88 -10.69 -24.72
CA GLY A 19 -17.69 -11.57 -25.87
C GLY A 19 -16.31 -12.19 -25.95
N THR A 20 -15.51 -12.04 -24.89
CA THR A 20 -14.16 -12.62 -24.84
C THR A 20 -14.15 -13.68 -23.76
N ALA A 21 -13.08 -14.46 -23.70
CA ALA A 21 -12.97 -15.51 -22.70
C ALA A 21 -12.77 -14.93 -21.31
N ILE A 22 -12.12 -13.77 -21.22
CA ILE A 22 -11.89 -13.13 -19.92
C ILE A 22 -13.10 -12.34 -19.45
N ARG A 23 -13.90 -11.86 -20.40
CA ARG A 23 -15.11 -11.11 -20.09
C ARG A 23 -16.20 -11.64 -21.00
N PRO A 24 -16.72 -12.85 -20.71
CA PRO A 24 -17.77 -13.49 -21.52
C PRO A 24 -19.10 -12.76 -21.64
N LEU A 25 -19.65 -12.37 -20.49
CA LEU A 25 -20.96 -11.73 -20.44
C LEU A 25 -21.15 -10.34 -21.07
N LYS A 26 -22.14 -10.22 -21.95
CA LYS A 26 -22.40 -8.93 -22.59
C LYS A 26 -23.29 -8.06 -21.69
N VAL A 27 -22.66 -7.22 -20.89
CA VAL A 27 -23.34 -6.32 -19.95
C VAL A 27 -22.84 -4.89 -20.12
N LEU A 28 -23.78 -3.97 -20.28
CA LEU A 28 -23.44 -2.56 -20.45
C LEU A 28 -23.51 -1.83 -19.12
N PRO A 29 -22.73 -0.73 -18.98
CA PRO A 29 -22.67 0.08 -17.77
C PRO A 29 -24.04 0.69 -17.48
N TRP A 30 -24.39 0.82 -16.21
CA TRP A 30 -25.63 1.42 -15.79
C TRP A 30 -25.53 2.90 -16.17
N SER A 31 -26.63 3.64 -16.03
CA SER A 31 -26.63 5.07 -16.36
C SER A 31 -26.06 5.88 -15.21
N PRO A 32 -25.65 7.13 -15.50
CA PRO A 32 -25.11 8.00 -14.46
C PRO A 32 -26.12 8.15 -13.33
N GLU A 33 -27.40 8.33 -13.65
CA GLU A 33 -28.40 8.48 -12.56
C GLU A 33 -28.70 7.21 -11.75
N ARG A 34 -28.59 6.02 -12.33
CA ARG A 34 -28.83 4.79 -11.57
C ARG A 34 -27.64 4.59 -10.62
N ILE A 35 -26.43 4.87 -11.11
CA ILE A 35 -25.21 4.76 -10.32
C ILE A 35 -25.19 5.83 -9.22
N GLY A 36 -25.63 7.04 -9.56
CA GLY A 36 -25.69 8.13 -8.61
C GLY A 36 -24.36 8.64 -8.12
N THR A 37 -23.40 8.73 -9.01
CA THR A 37 -22.06 9.18 -8.66
C THR A 37 -22.05 10.58 -7.99
N ARG A 38 -21.40 10.66 -6.83
CA ARG A 38 -21.29 11.92 -6.11
C ARG A 38 -19.83 12.31 -5.95
N PHE A 39 -19.55 13.59 -6.13
CA PHE A 39 -18.22 14.11 -5.97
C PHE A 39 -18.31 14.97 -4.72
N LEU A 40 -17.76 14.44 -3.63
CA LEU A 40 -17.78 15.12 -2.34
C LEU A 40 -16.45 15.80 -2.09
N LEU A 41 -16.47 17.12 -2.00
CA LEU A 41 -15.26 17.87 -1.78
C LEU A 41 -15.04 18.22 -0.31
N TYR A 42 -13.83 17.97 0.14
CA TYR A 42 -13.41 18.30 1.50
C TYR A 42 -12.11 19.06 1.31
N THR A 43 -11.91 20.12 2.09
CA THR A 43 -10.69 20.91 2.03
C THR A 43 -10.30 21.22 3.48
N ASN A 44 -9.12 21.78 3.70
CA ASN A 44 -8.73 22.08 5.08
C ASN A 44 -9.75 23.03 5.70
N LYS A 45 -10.35 23.89 4.87
CA LYS A 45 -11.35 24.84 5.37
C LYS A 45 -12.60 24.09 5.76
N ASN A 46 -12.96 23.06 4.99
CA ASN A 46 -14.15 22.26 5.31
C ASN A 46 -13.79 20.77 5.41
N PRO A 47 -13.06 20.38 6.48
CA PRO A 47 -12.62 19.01 6.73
C PRO A 47 -13.67 18.02 7.19
N ASN A 48 -14.82 18.50 7.65
CA ASN A 48 -15.83 17.61 8.17
C ASN A 48 -17.09 17.42 7.34
N ASN A 49 -17.55 18.47 6.66
CA ASN A 49 -18.76 18.40 5.85
C ASN A 49 -18.48 18.68 4.39
N PHE A 50 -19.04 17.86 3.51
CA PHE A 50 -18.81 18.01 2.08
C PHE A 50 -19.55 19.13 1.38
N GLN A 51 -19.00 19.49 0.22
CA GLN A 51 -19.61 20.46 -0.67
C GLN A 51 -19.77 19.60 -1.92
N THR A 52 -20.97 19.62 -2.50
CA THR A 52 -21.22 18.81 -3.67
C THR A 52 -20.74 19.43 -4.97
N LEU A 53 -19.92 18.68 -5.72
CA LEU A 53 -19.42 19.17 -7.00
C LEU A 53 -20.10 18.35 -8.07
N LEU A 54 -20.43 19.00 -9.18
CA LEU A 54 -21.09 18.37 -10.32
C LEU A 54 -20.15 18.59 -11.49
N PRO A 55 -19.80 17.53 -12.20
CA PRO A 55 -18.90 17.70 -13.33
C PRO A 55 -19.53 18.40 -14.54
N SER A 56 -20.86 18.46 -14.55
CA SER A 56 -21.57 19.11 -15.64
C SER A 56 -21.90 20.57 -15.31
N ASP A 57 -21.54 21.02 -14.11
CA ASP A 57 -21.86 22.37 -13.66
C ASP A 57 -20.67 23.09 -13.00
N PRO A 58 -19.92 23.89 -13.79
CA PRO A 58 -18.76 24.63 -13.30
C PRO A 58 -19.05 25.47 -12.08
N SER A 59 -20.28 25.98 -11.96
CA SER A 59 -20.64 26.81 -10.82
C SER A 59 -20.44 26.14 -9.46
N THR A 60 -20.55 24.82 -9.40
CA THR A 60 -20.37 24.13 -8.13
C THR A 60 -18.96 24.35 -7.60
N ILE A 61 -18.01 24.54 -8.50
CA ILE A 61 -16.62 24.78 -8.15
C ILE A 61 -16.48 26.19 -7.61
N GLY A 62 -17.34 27.11 -8.07
CA GLY A 62 -17.30 28.49 -7.62
C GLY A 62 -17.99 28.61 -6.29
N ALA A 63 -19.01 27.78 -6.11
CA ALA A 63 -19.78 27.75 -4.87
C ALA A 63 -19.16 26.78 -3.83
N SER A 64 -17.86 26.52 -3.96
CA SER A 64 -17.18 25.60 -3.04
C SER A 64 -15.90 26.21 -2.54
N ASN A 65 -15.21 25.47 -1.68
CA ASN A 65 -13.92 25.91 -1.12
C ASN A 65 -12.76 25.41 -1.98
N PHE A 66 -13.06 24.91 -3.17
CA PHE A 66 -12.06 24.41 -4.10
C PHE A 66 -11.02 25.50 -4.38
N GLN A 67 -9.74 25.15 -4.35
CA GLN A 67 -8.68 26.13 -4.62
C GLN A 67 -7.88 25.74 -5.85
N THR A 68 -7.86 26.63 -6.85
CA THR A 68 -7.11 26.37 -8.10
C THR A 68 -5.60 26.37 -7.92
N ASP A 69 -5.13 26.92 -6.80
CA ASP A 69 -3.69 26.97 -6.53
C ASP A 69 -3.21 25.82 -5.62
N LYS A 70 -4.01 24.78 -5.47
CA LYS A 70 -3.65 23.63 -4.63
C LYS A 70 -3.71 22.36 -5.45
N LYS A 71 -3.17 21.28 -4.89
CA LYS A 71 -3.22 20.00 -5.57
C LYS A 71 -4.60 19.46 -5.27
N THR A 72 -5.04 18.51 -6.08
CA THR A 72 -6.32 17.85 -5.92
C THR A 72 -6.06 16.35 -5.87
N ARG A 73 -6.77 15.68 -4.98
CA ARG A 73 -6.61 14.24 -4.84
C ARG A 73 -8.00 13.63 -4.74
N PHE A 74 -8.37 12.84 -5.74
CA PHE A 74 -9.66 12.17 -5.73
C PHE A 74 -9.47 10.82 -5.04
N ILE A 75 -10.43 10.43 -4.22
CA ILE A 75 -10.40 9.14 -3.57
C ILE A 75 -11.61 8.40 -4.09
N ILE A 76 -11.33 7.31 -4.79
CA ILE A 76 -12.34 6.50 -5.39
C ILE A 76 -12.28 5.11 -4.82
N HIS A 77 -13.36 4.73 -4.17
CA HIS A 77 -13.46 3.44 -3.52
C HIS A 77 -13.81 2.32 -4.50
N GLY A 78 -13.89 1.13 -3.93
CA GLY A 78 -14.27 -0.05 -4.67
C GLY A 78 -15.17 -0.76 -3.66
N PHE A 79 -14.74 -1.93 -3.22
CA PHE A 79 -15.48 -2.74 -2.23
C PHE A 79 -15.61 -2.02 -0.89
N ILE A 80 -16.84 -1.80 -0.45
CA ILE A 80 -17.08 -1.20 0.85
C ILE A 80 -17.52 -2.33 1.82
N ASP A 81 -16.78 -2.52 2.90
CA ASP A 81 -17.08 -3.57 3.92
C ASP A 81 -17.86 -2.87 5.05
N LYS A 82 -18.77 -3.57 5.72
CA LYS A 82 -19.54 -2.93 6.80
C LYS A 82 -18.58 -2.28 7.79
N GLY A 83 -18.94 -1.07 8.23
CA GLY A 83 -18.13 -0.31 9.16
C GLY A 83 -17.04 0.49 8.46
N GLU A 84 -16.89 0.31 7.15
CA GLU A 84 -15.83 0.98 6.41
C GLU A 84 -16.21 2.23 5.58
N GLU A 85 -17.47 2.62 5.63
CA GLU A 85 -17.95 3.77 4.85
C GLU A 85 -17.18 5.09 4.97
N ASN A 86 -16.63 5.38 6.14
CA ASN A 86 -15.90 6.65 6.29
C ASN A 86 -14.42 6.64 5.98
N TRP A 87 -13.91 5.56 5.38
CA TRP A 87 -12.48 5.48 5.11
C TRP A 87 -11.93 6.55 4.21
N LEU A 88 -12.69 6.90 3.17
CA LEU A 88 -12.28 7.91 2.19
C LEU A 88 -12.09 9.27 2.85
N LEU A 89 -13.02 9.61 3.73
CA LEU A 89 -12.98 10.85 4.50
C LEU A 89 -11.87 10.74 5.57
N ASP A 90 -11.71 9.55 6.14
CA ASP A 90 -10.65 9.36 7.11
C ASP A 90 -9.32 9.64 6.46
N MET A 91 -9.20 9.24 5.18
CA MET A 91 -7.98 9.47 4.44
C MET A 91 -7.78 10.97 4.12
N CYS A 92 -8.83 11.67 3.68
CA CYS A 92 -8.71 13.12 3.42
C CYS A 92 -8.22 13.81 4.69
N LYS A 93 -8.83 13.49 5.83
CA LYS A 93 -8.44 14.08 7.12
C LYS A 93 -6.96 13.99 7.47
N ASN A 94 -6.30 12.90 7.08
CA ASN A 94 -4.86 12.74 7.31
C ASN A 94 -4.09 13.63 6.32
N MET A 95 -4.65 13.87 5.13
CA MET A 95 -3.99 14.75 4.18
C MET A 95 -3.98 16.18 4.73
N PHE A 96 -5.07 16.58 5.38
CA PHE A 96 -5.16 17.92 5.94
C PHE A 96 -4.15 18.19 7.05
N LYS A 97 -3.61 17.13 7.65
CA LYS A 97 -2.63 17.25 8.74
C LYS A 97 -1.26 17.54 8.17
N VAL A 98 -1.08 17.30 6.86
CA VAL A 98 0.21 17.55 6.23
C VAL A 98 0.20 18.45 5.04
N GLU A 99 -0.99 18.88 4.59
CA GLU A 99 -1.07 19.75 3.41
C GLU A 99 -2.42 20.41 3.18
N GLU A 100 -2.40 21.45 2.37
CA GLU A 100 -3.57 22.23 1.95
C GLU A 100 -3.91 21.58 0.61
N VAL A 101 -5.07 20.96 0.50
CA VAL A 101 -5.43 20.25 -0.72
C VAL A 101 -6.93 20.11 -0.91
N ASN A 102 -7.36 19.86 -2.15
CA ASN A 102 -8.77 19.64 -2.44
C ASN A 102 -8.87 18.14 -2.44
N CYS A 103 -9.68 17.58 -1.56
CA CYS A 103 -9.80 16.15 -1.47
C CYS A 103 -11.20 15.82 -1.89
N ILE A 104 -11.33 15.19 -3.05
CA ILE A 104 -12.64 14.84 -3.55
C ILE A 104 -12.90 13.34 -3.40
N CYS A 105 -13.88 13.00 -2.60
CA CYS A 105 -14.28 11.60 -2.45
C CYS A 105 -15.32 11.30 -3.53
N VAL A 106 -15.11 10.24 -4.28
CA VAL A 106 -16.03 9.85 -5.33
C VAL A 106 -16.82 8.63 -4.84
N ASP A 107 -18.07 8.88 -4.48
CA ASP A 107 -18.94 7.85 -4.01
C ASP A 107 -19.85 7.35 -5.13
N TRP A 108 -19.74 6.07 -5.46
CA TRP A 108 -20.56 5.43 -6.47
C TRP A 108 -21.03 4.06 -5.93
N LYS A 109 -21.26 4.02 -4.61
CA LYS A 109 -21.67 2.78 -3.96
C LYS A 109 -22.82 1.98 -4.58
N LYS A 110 -23.89 2.67 -4.99
CA LYS A 110 -25.01 1.97 -5.63
C LYS A 110 -24.57 1.25 -6.89
N GLY A 111 -23.58 1.82 -7.60
CA GLY A 111 -23.10 1.20 -8.81
C GLY A 111 -22.15 0.06 -8.56
N SER A 112 -21.61 -0.04 -7.34
CA SER A 112 -20.67 -1.12 -6.99
C SER A 112 -21.36 -2.32 -6.31
N GLN A 113 -22.49 -2.06 -5.63
CA GLN A 113 -23.27 -3.08 -4.91
C GLN A 113 -24.29 -3.78 -5.79
N THR A 114 -23.78 -4.64 -6.65
CA THR A 114 -24.59 -5.41 -7.57
C THR A 114 -23.70 -6.58 -7.98
N SER A 115 -24.14 -7.36 -8.97
CA SER A 115 -23.37 -8.50 -9.45
C SER A 115 -22.00 -7.98 -9.88
N TYR A 116 -20.97 -8.85 -9.90
CA TYR A 116 -19.63 -8.41 -10.25
C TYR A 116 -19.42 -7.93 -11.68
N THR A 117 -19.97 -8.63 -12.66
CA THR A 117 -19.80 -8.20 -14.05
C THR A 117 -20.43 -6.82 -14.26
N GLN A 118 -21.53 -6.57 -13.58
CA GLN A 118 -22.22 -5.29 -13.68
C GLN A 118 -21.43 -4.24 -12.96
N ALA A 119 -20.84 -4.58 -11.82
CA ALA A 119 -20.05 -3.60 -11.08
C ALA A 119 -18.76 -3.28 -11.83
N ALA A 120 -18.20 -4.29 -12.47
CA ALA A 120 -16.97 -4.18 -13.24
C ALA A 120 -17.18 -3.24 -14.44
N ASN A 121 -18.33 -3.36 -15.06
CA ASN A 121 -18.65 -2.55 -16.22
C ASN A 121 -19.08 -1.14 -15.82
N ASN A 122 -19.63 -0.99 -14.62
CA ASN A 122 -20.08 0.33 -14.17
C ASN A 122 -18.93 1.26 -13.95
N VAL A 123 -17.76 0.67 -13.79
CA VAL A 123 -16.47 1.35 -13.59
C VAL A 123 -16.23 2.28 -14.78
N ARG A 124 -16.60 1.79 -15.96
CA ARG A 124 -16.42 2.54 -17.20
C ARG A 124 -17.07 3.92 -17.14
N VAL A 125 -18.31 3.95 -16.67
CA VAL A 125 -19.08 5.18 -16.53
C VAL A 125 -18.54 6.09 -15.43
N VAL A 126 -18.27 5.54 -14.27
CA VAL A 126 -17.72 6.35 -13.19
C VAL A 126 -16.40 6.99 -13.64
N GLY A 127 -15.55 6.23 -14.35
CA GLY A 127 -14.28 6.76 -14.81
C GLY A 127 -14.46 7.88 -15.84
N ALA A 128 -15.50 7.74 -16.66
CA ALA A 128 -15.85 8.76 -17.68
C ALA A 128 -16.35 10.02 -16.97
N GLN A 129 -17.02 9.87 -15.82
CA GLN A 129 -17.53 11.03 -15.08
C GLN A 129 -16.40 11.77 -14.36
N VAL A 130 -15.40 10.99 -13.91
CA VAL A 130 -14.21 11.56 -13.27
C VAL A 130 -13.44 12.31 -14.37
N ALA A 131 -13.31 11.72 -15.57
CA ALA A 131 -12.61 12.40 -16.66
C ALA A 131 -13.40 13.68 -17.04
N GLN A 132 -14.72 13.61 -16.89
CA GLN A 132 -15.61 14.74 -17.20
C GLN A 132 -15.32 15.87 -16.22
N MET A 133 -15.22 15.55 -14.94
CA MET A 133 -14.89 16.54 -13.93
C MET A 133 -13.54 17.19 -14.25
N LEU A 134 -12.58 16.37 -14.64
CA LEU A 134 -11.24 16.84 -15.01
C LEU A 134 -11.22 17.71 -16.28
N SER A 135 -11.99 17.35 -17.31
CA SER A 135 -12.02 18.17 -18.53
C SER A 135 -12.70 19.51 -18.22
N MET A 136 -13.68 19.50 -17.32
CA MET A 136 -14.35 20.72 -16.92
C MET A 136 -13.40 21.66 -16.15
N LEU A 137 -12.62 21.12 -15.19
CA LEU A 137 -11.68 21.94 -14.42
C LEU A 137 -10.68 22.55 -15.37
N SER A 138 -10.16 21.72 -16.26
CA SER A 138 -9.21 22.15 -17.27
C SER A 138 -9.83 23.29 -18.11
N ALA A 139 -10.98 23.01 -18.72
CA ALA A 139 -11.69 23.96 -19.57
C ALA A 139 -12.13 25.27 -18.90
N ASN A 140 -12.98 25.18 -17.89
CA ASN A 140 -13.50 26.38 -17.22
C ASN A 140 -12.65 27.06 -16.14
N TYR A 141 -11.59 26.42 -15.68
CA TYR A 141 -10.73 27.01 -14.63
C TYR A 141 -9.25 26.90 -14.92
N SER A 142 -8.90 26.51 -16.14
CA SER A 142 -7.50 26.36 -16.54
C SER A 142 -6.63 25.61 -15.50
N TYR A 143 -7.23 24.59 -14.86
CA TYR A 143 -6.59 23.75 -13.83
C TYR A 143 -6.15 22.47 -14.52
N SER A 144 -4.84 22.33 -14.70
CA SER A 144 -4.25 21.18 -15.40
C SER A 144 -4.35 19.88 -14.60
N PRO A 145 -4.60 18.76 -15.30
CA PRO A 145 -4.69 17.43 -14.68
C PRO A 145 -3.34 16.93 -14.11
N SER A 146 -2.27 17.65 -14.43
CA SER A 146 -0.95 17.32 -13.92
C SER A 146 -0.92 17.60 -12.40
N GLN A 147 -1.88 18.40 -11.94
CA GLN A 147 -2.02 18.81 -10.53
C GLN A 147 -2.97 17.90 -9.79
N VAL A 148 -3.30 16.77 -10.40
CA VAL A 148 -4.25 15.84 -9.82
C VAL A 148 -3.74 14.42 -9.66
N GLN A 149 -4.16 13.79 -8.56
CA GLN A 149 -3.85 12.40 -8.28
C GLN A 149 -5.20 11.73 -8.11
N LEU A 150 -5.32 10.52 -8.64
CA LEU A 150 -6.55 9.75 -8.48
C LEU A 150 -6.10 8.54 -7.64
N ILE A 151 -6.71 8.35 -6.48
CA ILE A 151 -6.41 7.22 -5.62
C ILE A 151 -7.57 6.27 -5.77
N GLY A 152 -7.33 5.12 -6.34
CA GLY A 152 -8.44 4.22 -6.53
C GLY A 152 -8.18 2.92 -5.83
N HIS A 153 -9.09 2.52 -4.94
CA HIS A 153 -8.97 1.27 -4.20
C HIS A 153 -9.85 0.21 -4.82
N SER A 154 -9.32 -0.99 -5.03
CA SER A 154 -10.16 -2.08 -5.54
C SER A 154 -10.68 -1.78 -6.97
N LEU A 155 -11.99 -1.93 -7.17
CA LEU A 155 -12.62 -1.61 -8.45
C LEU A 155 -12.31 -0.11 -8.78
N GLY A 156 -12.23 0.72 -7.75
CA GLY A 156 -11.91 2.13 -7.92
C GLY A 156 -10.59 2.38 -8.63
N ALA A 157 -9.67 1.40 -8.56
CA ALA A 157 -8.38 1.53 -9.24
C ALA A 157 -8.60 1.53 -10.76
N HIS A 158 -9.58 0.76 -11.21
CA HIS A 158 -9.88 0.69 -12.63
C HIS A 158 -10.74 1.89 -13.07
N VAL A 159 -11.52 2.43 -12.14
CA VAL A 159 -12.30 3.65 -12.34
C VAL A 159 -11.24 4.75 -12.64
N ALA A 160 -10.18 4.85 -11.82
CA ALA A 160 -9.08 5.79 -12.00
C ALA A 160 -8.37 5.56 -13.32
N GLY A 161 -8.12 4.28 -13.64
CA GLY A 161 -7.50 3.90 -14.89
C GLY A 161 -8.29 4.48 -16.08
N GLU A 162 -9.60 4.30 -16.05
CA GLU A 162 -10.50 4.82 -17.11
C GLU A 162 -10.37 6.33 -17.23
N ALA A 163 -10.47 7.03 -16.10
CA ALA A 163 -10.33 8.48 -16.06
C ALA A 163 -9.02 8.91 -16.70
N GLY A 164 -7.92 8.28 -16.29
CA GLY A 164 -6.61 8.57 -16.84
C GLY A 164 -6.57 8.32 -18.35
N SER A 165 -7.09 7.18 -18.77
CA SER A 165 -7.15 6.84 -20.18
C SER A 165 -7.81 7.98 -20.99
N ARG A 166 -8.81 8.64 -20.40
CA ARG A 166 -9.57 9.70 -21.03
C ARG A 166 -9.05 11.09 -20.74
N THR A 167 -8.00 11.20 -19.93
CA THR A 167 -7.47 12.51 -19.58
C THR A 167 -5.97 12.54 -19.77
N PRO A 168 -5.52 12.90 -20.99
CA PRO A 168 -4.09 12.98 -21.27
C PRO A 168 -3.39 13.90 -20.26
N GLY A 169 -2.18 13.52 -19.84
CA GLY A 169 -1.43 14.33 -18.90
C GLY A 169 -1.83 14.32 -17.43
N LEU A 170 -2.59 13.31 -17.00
CA LEU A 170 -2.97 13.18 -15.58
C LEU A 170 -1.66 12.94 -14.80
N GLY A 171 -1.43 13.69 -13.73
CA GLY A 171 -0.19 13.55 -12.98
C GLY A 171 0.02 12.19 -12.31
N ARG A 172 -0.97 11.72 -11.55
CA ARG A 172 -0.80 10.46 -10.86
C ARG A 172 -2.05 9.69 -10.54
N ILE A 173 -1.88 8.36 -10.55
CA ILE A 173 -2.92 7.41 -10.16
C ILE A 173 -2.27 6.43 -9.21
N THR A 174 -2.85 6.27 -8.04
CA THR A 174 -2.35 5.29 -7.12
C THR A 174 -3.41 4.20 -7.07
N GLY A 175 -3.01 2.96 -7.36
CA GLY A 175 -3.93 1.82 -7.29
C GLY A 175 -3.72 1.10 -5.95
N LEU A 176 -4.79 1.02 -5.15
CA LEU A 176 -4.71 0.35 -3.85
C LEU A 176 -5.38 -1.01 -4.02
N ASP A 177 -4.56 -2.04 -4.14
CA ASP A 177 -5.05 -3.42 -4.37
C ASP A 177 -6.12 -3.52 -5.46
N PRO A 178 -5.75 -3.26 -6.73
CA PRO A 178 -6.69 -3.33 -7.85
C PRO A 178 -7.24 -4.73 -8.00
N VAL A 179 -8.52 -4.83 -8.33
CA VAL A 179 -9.11 -6.15 -8.51
C VAL A 179 -8.58 -6.80 -9.80
N GLU A 180 -8.49 -8.12 -9.83
CA GLU A 180 -7.96 -8.84 -10.98
C GLU A 180 -9.00 -9.36 -11.98
N ALA A 181 -10.06 -9.94 -11.45
CA ALA A 181 -11.14 -10.53 -12.24
C ALA A 181 -11.78 -9.57 -13.25
N SER A 182 -11.87 -10.03 -14.49
CA SER A 182 -12.45 -9.26 -15.60
C SER A 182 -11.55 -8.12 -16.08
N PHE A 183 -10.36 -7.98 -15.48
CA PHE A 183 -9.42 -6.93 -15.88
C PHE A 183 -8.06 -7.43 -16.36
N GLN A 184 -7.55 -8.50 -15.73
CA GLN A 184 -6.27 -9.07 -16.15
C GLN A 184 -6.39 -9.70 -17.53
N GLY A 185 -5.39 -9.48 -18.37
CA GLY A 185 -5.38 -10.04 -19.71
C GLY A 185 -6.13 -9.22 -20.74
N THR A 186 -6.64 -8.06 -20.34
CA THR A 186 -7.40 -7.24 -21.28
C THR A 186 -6.50 -6.14 -21.86
N PRO A 187 -6.94 -5.49 -22.97
CA PRO A 187 -6.12 -4.42 -23.53
C PRO A 187 -6.03 -3.33 -22.43
N GLU A 188 -4.93 -2.58 -22.42
CA GLU A 188 -4.71 -1.52 -21.44
C GLU A 188 -5.88 -0.57 -21.24
N GLU A 189 -6.74 -0.52 -22.25
CA GLU A 189 -7.94 0.31 -22.28
C GLU A 189 -8.93 -0.03 -21.16
N VAL A 190 -8.98 -1.31 -20.81
CA VAL A 190 -9.90 -1.81 -19.81
C VAL A 190 -9.46 -1.67 -18.34
N ARG A 191 -8.14 -1.72 -18.14
CA ARG A 191 -7.57 -1.73 -16.81
C ARG A 191 -6.57 -0.66 -16.51
N LEU A 192 -6.30 -0.43 -15.23
CA LEU A 192 -5.30 0.55 -14.81
C LEU A 192 -3.98 -0.06 -15.26
N ASP A 193 -3.11 0.77 -15.84
CA ASP A 193 -1.79 0.34 -16.35
C ASP A 193 -0.96 1.63 -16.38
N PRO A 194 0.35 1.55 -16.56
CA PRO A 194 1.20 2.76 -16.58
C PRO A 194 0.84 3.89 -17.55
N THR A 195 0.22 3.57 -18.68
CA THR A 195 -0.16 4.59 -19.69
C THR A 195 -1.29 5.50 -19.28
N ASP A 196 -1.95 5.18 -18.17
CA ASP A 196 -3.06 5.99 -17.70
C ASP A 196 -2.68 7.28 -17.04
N ALA A 197 -1.42 7.43 -16.64
CA ALA A 197 -0.99 8.68 -15.98
C ALA A 197 0.50 8.81 -16.06
N ASP A 198 1.06 10.00 -15.79
CA ASP A 198 2.52 10.20 -15.85
C ASP A 198 3.22 9.33 -14.80
N PHE A 199 2.54 9.05 -13.68
CA PHE A 199 3.10 8.22 -12.61
C PHE A 199 1.99 7.39 -12.01
N VAL A 200 2.14 6.08 -12.11
CA VAL A 200 1.17 5.16 -11.57
C VAL A 200 1.93 4.30 -10.53
N ASP A 201 1.51 4.40 -9.27
CA ASP A 201 2.15 3.58 -8.23
C ASP A 201 1.05 2.65 -7.71
N VAL A 202 1.42 1.38 -7.51
CA VAL A 202 0.45 0.35 -7.08
C VAL A 202 0.84 -0.51 -5.86
N ILE A 203 -0.08 -0.59 -4.91
CA ILE A 203 0.07 -1.37 -3.66
C ILE A 203 -0.78 -2.64 -3.74
N HIS A 204 -0.12 -3.80 -3.61
CA HIS A 204 -0.81 -5.07 -3.68
C HIS A 204 -0.90 -5.69 -2.29
N THR A 205 -2.11 -6.05 -1.86
CA THR A 205 -2.31 -6.62 -0.53
C THR A 205 -3.12 -7.90 -0.43
N ASP A 206 -3.82 -8.27 -1.51
CA ASP A 206 -4.65 -9.48 -1.49
C ASP A 206 -4.49 -10.21 -2.81
N ALA A 207 -3.26 -10.34 -3.29
CA ALA A 207 -2.94 -10.96 -4.58
C ALA A 207 -2.92 -12.48 -4.72
N ALA A 208 -3.35 -13.25 -3.71
CA ALA A 208 -3.37 -14.71 -3.87
C ALA A 208 -4.48 -15.02 -4.86
N PRO A 209 -4.33 -16.09 -5.67
CA PRO A 209 -5.34 -16.48 -6.66
C PRO A 209 -6.74 -16.50 -6.07
N LEU A 210 -7.71 -16.03 -6.86
CA LEU A 210 -9.10 -15.97 -6.44
C LEU A 210 -9.58 -17.37 -6.08
N ILE A 211 -9.19 -18.34 -6.90
CA ILE A 211 -9.53 -19.75 -6.68
C ILE A 211 -8.21 -20.47 -6.39
N PRO A 212 -8.11 -21.12 -5.22
CA PRO A 212 -9.20 -21.19 -4.23
C PRO A 212 -9.08 -20.32 -3.00
N PHE A 213 -8.10 -19.41 -2.96
CA PHE A 213 -7.89 -18.58 -1.77
C PHE A 213 -8.77 -17.36 -1.60
N LEU A 214 -9.63 -17.10 -2.59
CA LEU A 214 -10.52 -15.95 -2.53
C LEU A 214 -9.77 -14.60 -2.44
N GLY A 215 -8.62 -14.52 -3.10
CA GLY A 215 -7.87 -13.28 -3.12
C GLY A 215 -8.48 -12.35 -4.19
N PHE A 216 -8.87 -11.15 -3.77
CA PHE A 216 -9.48 -10.15 -4.67
C PHE A 216 -8.48 -9.32 -5.48
N GLY A 217 -7.24 -9.20 -4.99
CA GLY A 217 -6.24 -8.41 -5.66
C GLY A 217 -5.49 -9.08 -6.78
N THR A 218 -4.53 -8.37 -7.34
CA THR A 218 -3.73 -8.92 -8.43
C THR A 218 -2.23 -9.03 -8.11
N SER A 219 -1.59 -10.02 -8.71
CA SER A 219 -0.16 -10.28 -8.53
C SER A 219 0.62 -9.53 -9.61
N GLN A 220 -0.03 -9.35 -10.76
CA GLN A 220 0.55 -8.66 -11.93
C GLN A 220 1.01 -7.21 -11.66
N GLN A 221 2.21 -6.86 -12.14
CA GLN A 221 2.70 -5.51 -11.99
C GLN A 221 1.83 -4.60 -12.88
N MET A 222 1.32 -3.53 -12.31
CA MET A 222 0.42 -2.64 -13.03
C MET A 222 0.86 -1.17 -13.11
N GLY A 223 2.00 -0.83 -12.53
CA GLY A 223 2.40 0.58 -12.57
C GLY A 223 3.86 0.81 -12.87
N HIS A 224 4.31 2.05 -12.65
CA HIS A 224 5.71 2.43 -12.81
C HIS A 224 6.46 1.91 -11.59
N LEU A 225 5.73 1.77 -10.48
CA LEU A 225 6.24 1.29 -9.21
C LEU A 225 5.14 0.42 -8.59
N ASP A 226 5.49 -0.82 -8.28
CA ASP A 226 4.57 -1.81 -7.68
C ASP A 226 5.19 -2.31 -6.38
N PHE A 227 4.37 -2.25 -5.33
CA PHE A 227 4.76 -2.59 -3.96
C PHE A 227 3.97 -3.78 -3.47
N PHE A 228 4.69 -4.69 -2.83
CA PHE A 228 4.10 -5.91 -2.29
C PHE A 228 4.45 -6.02 -0.81
N PRO A 229 3.79 -5.21 0.02
CA PRO A 229 4.07 -5.27 1.46
C PRO A 229 3.69 -6.64 2.01
N ASN A 230 4.61 -7.22 2.79
CA ASN A 230 4.42 -8.53 3.41
C ASN A 230 4.24 -9.60 2.34
N GLY A 231 4.80 -9.34 1.17
CA GLY A 231 4.69 -10.30 0.08
C GLY A 231 3.54 -10.08 -0.89
N GLY A 232 2.55 -9.31 -0.47
CA GLY A 232 1.39 -9.01 -1.29
C GLY A 232 0.18 -9.93 -1.26
N GLU A 233 0.25 -11.06 -0.55
CA GLU A 233 -0.86 -12.03 -0.52
C GLU A 233 -1.62 -12.17 0.78
N GLU A 234 -0.90 -12.16 1.90
CA GLU A 234 -1.51 -12.29 3.24
C GLU A 234 -0.92 -11.21 4.12
N MET A 235 -1.76 -10.41 4.74
CA MET A 235 -1.26 -9.32 5.57
C MET A 235 -1.30 -9.72 7.03
N PRO A 236 -0.23 -9.40 7.79
CA PRO A 236 -0.21 -9.74 9.21
C PRO A 236 -1.37 -9.02 9.92
N GLY A 237 -2.07 -9.74 10.79
CA GLY A 237 -3.19 -9.17 11.51
C GLY A 237 -4.53 -9.32 10.80
N CYS A 238 -4.53 -9.99 9.65
CA CYS A 238 -5.73 -10.22 8.88
C CYS A 238 -6.10 -11.68 8.85
N LYS A 239 -7.38 -11.98 9.08
CA LYS A 239 -7.87 -13.35 9.00
C LYS A 239 -8.00 -13.59 7.49
N LYS A 240 -8.08 -14.85 7.09
CA LYS A 240 -8.17 -15.19 5.68
C LYS A 240 -9.52 -15.82 5.36
N ASN A 241 -9.81 -15.99 4.07
CA ASN A 241 -11.06 -16.60 3.65
C ASN A 241 -10.87 -18.12 3.55
N ALA A 242 -11.93 -18.88 3.82
CA ALA A 242 -11.89 -20.34 3.71
C ALA A 242 -11.74 -20.68 2.22
N LEU A 243 -10.83 -21.57 1.90
CA LEU A 243 -10.61 -21.92 0.50
C LEU A 243 -11.89 -22.48 -0.12
N SER A 244 -11.91 -22.51 -1.45
CA SER A 244 -13.05 -23.04 -2.18
C SER A 244 -12.80 -22.98 -3.67
N GLN A 245 -13.19 -24.06 -4.35
CA GLN A 245 -13.05 -24.15 -5.80
C GLN A 245 -14.16 -23.40 -6.49
N ILE A 246 -15.19 -23.02 -5.72
CA ILE A 246 -16.31 -22.28 -6.25
C ILE A 246 -16.53 -21.01 -5.44
N VAL A 247 -16.27 -19.87 -6.08
CA VAL A 247 -16.45 -18.58 -5.41
C VAL A 247 -17.65 -17.83 -6.03
N ASP A 248 -18.47 -17.26 -5.16
CA ASP A 248 -19.65 -16.52 -5.58
C ASP A 248 -19.30 -15.05 -5.61
N LEU A 249 -18.70 -14.57 -6.71
CA LEU A 249 -18.35 -13.16 -6.80
C LEU A 249 -19.60 -12.28 -6.71
N ASP A 250 -20.65 -12.63 -7.46
CA ASP A 250 -21.89 -11.85 -7.46
C ASP A 250 -22.45 -11.69 -6.07
N GLY A 251 -22.53 -12.81 -5.34
CA GLY A 251 -23.03 -12.78 -3.98
C GLY A 251 -22.21 -11.88 -3.07
N ILE A 252 -20.88 -11.94 -3.17
CA ILE A 252 -20.05 -11.07 -2.33
C ILE A 252 -20.24 -9.56 -2.63
N TRP A 253 -20.29 -9.21 -3.91
CA TRP A 253 -20.46 -7.80 -4.29
C TRP A 253 -21.86 -7.24 -4.05
N GLU A 254 -22.88 -8.08 -4.15
CA GLU A 254 -24.23 -7.59 -3.87
C GLU A 254 -24.46 -7.58 -2.35
N GLY A 255 -23.46 -8.07 -1.61
CA GLY A 255 -23.52 -8.08 -0.16
C GLY A 255 -24.33 -9.18 0.50
N THR A 256 -24.51 -10.30 -0.18
CA THR A 256 -25.27 -11.39 0.42
C THR A 256 -24.33 -12.49 0.93
N ARG A 257 -23.13 -12.57 0.35
CA ARG A 257 -22.19 -13.59 0.77
C ARG A 257 -21.08 -13.09 1.66
N ASP A 258 -20.65 -13.92 2.60
CA ASP A 258 -19.58 -13.58 3.52
C ASP A 258 -18.26 -13.45 2.78
N PHE A 259 -17.43 -12.52 3.23
CA PHE A 259 -16.13 -12.29 2.64
C PHE A 259 -15.22 -11.60 3.64
N VAL A 260 -14.01 -12.12 3.81
CA VAL A 260 -13.07 -11.51 4.75
C VAL A 260 -12.25 -10.50 3.95
N ALA A 261 -12.68 -9.26 4.02
CA ALA A 261 -12.09 -8.18 3.27
C ALA A 261 -10.79 -7.58 3.83
N CYS A 262 -10.38 -8.00 5.02
CA CYS A 262 -9.17 -7.47 5.65
C CYS A 262 -7.98 -7.27 4.73
N ASN A 263 -7.53 -8.32 4.05
CA ASN A 263 -6.38 -8.23 3.15
C ASN A 263 -6.61 -7.18 2.02
N HIS A 264 -7.78 -7.24 1.40
CA HIS A 264 -8.16 -6.32 0.34
C HIS A 264 -8.15 -4.85 0.84
N LEU A 265 -8.62 -4.59 2.06
CA LEU A 265 -8.63 -3.22 2.60
C LEU A 265 -7.32 -2.70 3.15
N ARG A 266 -6.38 -3.60 3.46
CA ARG A 266 -5.08 -3.16 3.97
C ARG A 266 -4.40 -2.13 3.07
N SER A 267 -4.54 -2.27 1.76
CA SER A 267 -3.90 -1.33 0.84
C SER A 267 -4.16 0.13 1.18
N TYR A 268 -5.40 0.48 1.53
CA TYR A 268 -5.70 1.86 1.89
C TYR A 268 -5.37 2.20 3.33
N LYS A 269 -5.28 1.18 4.20
CA LYS A 269 -4.92 1.40 5.59
C LYS A 269 -3.46 1.81 5.58
N TYR A 270 -2.64 1.09 4.80
CA TYR A 270 -1.22 1.45 4.71
C TYR A 270 -0.99 2.80 4.02
N TYR A 271 -1.77 3.10 2.97
CA TYR A 271 -1.62 4.37 2.25
C TYR A 271 -2.01 5.49 3.21
N SER A 272 -3.15 5.37 3.87
CA SER A 272 -3.57 6.40 4.80
C SER A 272 -2.50 6.68 5.86
N GLU A 273 -1.90 5.63 6.41
CA GLU A 273 -0.86 5.87 7.39
C GLU A 273 0.39 6.49 6.76
N SER A 274 0.76 6.05 5.56
CA SER A 274 1.96 6.59 4.92
C SER A 274 1.94 8.12 4.78
N ILE A 275 0.74 8.69 4.64
CA ILE A 275 0.60 10.13 4.51
C ILE A 275 1.22 10.79 5.75
N LEU A 276 0.99 10.19 6.92
CA LEU A 276 1.49 10.70 8.21
C LEU A 276 2.91 10.27 8.56
N ASN A 277 3.39 9.20 7.92
CA ASN A 277 4.75 8.70 8.17
C ASN A 277 5.55 8.67 6.89
N PRO A 278 6.17 9.82 6.52
CA PRO A 278 6.96 9.90 5.29
C PRO A 278 8.16 8.97 5.13
N ASP A 279 8.61 8.31 6.20
CA ASP A 279 9.75 7.38 6.11
C ASP A 279 9.42 5.98 6.65
N GLY A 280 8.18 5.76 7.05
CA GLY A 280 7.79 4.48 7.58
C GLY A 280 7.59 3.31 6.63
N PHE A 281 7.76 3.47 5.31
CA PHE A 281 7.53 2.33 4.39
C PHE A 281 8.58 2.19 3.27
N ALA A 282 9.87 2.26 3.61
CA ALA A 282 10.93 2.09 2.63
C ALA A 282 10.78 0.72 2.00
N SER A 283 10.91 0.68 0.69
CA SER A 283 10.70 -0.54 -0.08
C SER A 283 11.96 -0.91 -0.82
N TYR A 284 12.19 -2.21 -0.92
CA TYR A 284 13.40 -2.73 -1.52
C TYR A 284 13.13 -3.56 -2.77
N PRO A 285 13.86 -3.29 -3.87
CA PRO A 285 13.66 -4.05 -5.10
C PRO A 285 14.17 -5.46 -4.83
N CYS A 286 13.43 -6.47 -5.25
CA CYS A 286 13.89 -7.81 -4.98
C CYS A 286 13.23 -8.75 -5.95
N ALA A 287 13.83 -9.92 -6.13
CA ALA A 287 13.31 -10.94 -7.03
C ALA A 287 12.00 -11.53 -6.52
N SER A 288 11.88 -11.63 -5.21
CA SER A 288 10.67 -12.22 -4.63
C SER A 288 10.63 -11.89 -3.15
N TYR A 289 9.50 -12.18 -2.53
CA TYR A 289 9.34 -11.91 -1.12
C TYR A 289 10.24 -12.88 -0.36
N ARG A 290 10.40 -14.08 -0.90
CA ARG A 290 11.27 -15.03 -0.26
C ARG A 290 12.70 -14.62 -0.26
N ALA A 291 13.18 -14.07 -1.37
CA ALA A 291 14.56 -13.57 -1.39
C ALA A 291 14.70 -12.42 -0.37
N PHE A 292 13.69 -11.56 -0.27
CA PHE A 292 13.70 -10.45 0.69
C PHE A 292 13.79 -10.98 2.15
N GLU A 293 12.93 -11.92 2.48
CA GLU A 293 12.87 -12.56 3.80
C GLU A 293 14.10 -13.41 4.11
N SER A 294 14.87 -13.76 3.08
CA SER A 294 16.09 -14.54 3.22
C SER A 294 17.29 -13.62 3.33
N ASN A 295 17.03 -12.33 3.56
CA ASN A 295 18.10 -11.34 3.70
C ASN A 295 19.01 -11.20 2.48
N LYS A 296 18.39 -11.15 1.30
CA LYS A 296 19.13 -11.04 0.02
C LYS A 296 18.94 -9.68 -0.68
N CYS A 297 18.06 -8.83 -0.17
CA CYS A 297 17.79 -7.57 -0.86
C CYS A 297 17.83 -6.33 0.03
N PHE A 298 18.89 -6.24 0.82
CA PHE A 298 19.04 -5.15 1.77
C PHE A 298 20.53 -4.92 1.90
N PRO A 299 20.97 -3.66 2.11
CA PRO A 299 20.22 -2.41 2.26
C PRO A 299 19.60 -1.83 0.97
N CYS A 300 19.21 -0.56 1.05
CA CYS A 300 18.63 0.13 -0.10
C CYS A 300 19.69 0.33 -1.15
N PRO A 301 19.30 0.39 -2.43
CA PRO A 301 20.22 0.60 -3.56
C PRO A 301 20.85 1.96 -3.37
N ASP A 302 21.92 2.23 -4.11
CA ASP A 302 22.63 3.50 -3.97
C ASP A 302 21.77 4.76 -4.03
N GLN A 303 20.84 4.76 -4.98
CA GLN A 303 19.94 5.90 -5.19
C GLN A 303 18.85 6.03 -4.13
N GLY A 304 18.69 5.00 -3.31
CA GLY A 304 17.70 5.05 -2.25
C GLY A 304 16.57 4.09 -2.52
N CYS A 305 15.72 3.93 -1.51
CA CYS A 305 14.55 3.07 -1.57
C CYS A 305 13.36 3.96 -1.76
N PRO A 306 12.36 3.53 -2.55
CA PRO A 306 11.17 4.37 -2.73
C PRO A 306 10.24 4.10 -1.52
N GLN A 307 9.43 5.08 -1.15
CA GLN A 307 8.49 4.89 -0.07
C GLN A 307 7.24 4.34 -0.71
N MET A 308 6.64 3.35 -0.07
CA MET A 308 5.38 2.81 -0.54
C MET A 308 4.32 3.80 -0.05
N GLY A 309 3.31 4.07 -0.87
CA GLY A 309 2.27 4.96 -0.40
C GLY A 309 2.38 6.39 -0.91
N HIS A 310 1.92 7.34 -0.09
CA HIS A 310 1.87 8.75 -0.46
C HIS A 310 3.11 9.41 -1.07
N TYR A 311 4.27 9.13 -0.52
CA TYR A 311 5.48 9.76 -0.98
C TYR A 311 6.24 9.01 -2.03
N ALA A 312 5.61 8.01 -2.65
CA ALA A 312 6.28 7.23 -3.68
C ALA A 312 6.66 8.09 -4.86
N ASP A 313 5.99 9.23 -4.99
CA ASP A 313 6.27 10.15 -6.09
C ASP A 313 7.57 10.91 -5.92
N LYS A 314 8.16 10.83 -4.72
CA LYS A 314 9.43 11.51 -4.43
C LYS A 314 10.54 10.81 -5.21
N PHE A 315 10.35 9.53 -5.45
CA PHE A 315 11.29 8.66 -6.14
C PHE A 315 11.49 8.93 -7.64
N ALA A 316 12.75 8.96 -8.07
CA ALA A 316 13.13 9.21 -9.46
C ALA A 316 13.68 7.97 -10.16
N GLN A 324 12.38 -3.44 -10.28
CA GLN A 324 11.00 -3.89 -10.66
C GLN A 324 10.12 -4.10 -9.44
N LYS A 325 9.93 -5.32 -8.97
CA LYS A 325 9.07 -5.55 -7.78
C LYS A 325 9.69 -5.04 -6.46
N TYR A 326 8.92 -4.32 -5.65
CA TYR A 326 9.43 -3.81 -4.38
C TYR A 326 8.79 -4.48 -3.16
N PHE A 327 9.62 -4.85 -2.19
CA PHE A 327 9.13 -5.49 -1.00
C PHE A 327 9.48 -4.73 0.25
N LEU A 328 8.70 -4.98 1.29
CA LEU A 328 8.87 -4.37 2.59
C LEU A 328 7.87 -5.05 3.48
N ASN A 329 8.00 -4.84 4.80
CA ASN A 329 7.11 -5.41 5.79
C ASN A 329 6.47 -4.31 6.60
N THR A 330 5.28 -4.59 7.12
CA THR A 330 4.55 -3.64 7.93
C THR A 330 4.18 -4.29 9.26
N GLY A 331 3.65 -3.51 10.18
CA GLY A 331 3.19 -4.07 11.42
C GLY A 331 1.88 -4.80 11.14
N ASP A 332 1.34 -5.47 12.16
CA ASP A 332 0.09 -6.18 11.98
C ASP A 332 -1.10 -5.36 12.44
N SER A 333 -0.84 -4.17 12.95
CA SER A 333 -1.89 -3.29 13.44
C SER A 333 -1.33 -1.88 13.29
N SER A 334 -2.18 -0.88 13.52
CA SER A 334 -1.80 0.51 13.36
C SER A 334 -0.42 0.91 13.79
N ASN A 335 0.09 1.78 12.92
CA ASN A 335 1.43 2.30 12.91
C ASN A 335 2.10 1.04 12.42
N PHE A 336 1.67 0.78 11.19
CA PHE A 336 2.09 -0.30 10.36
C PHE A 336 3.50 0.00 9.92
N ALA A 337 3.89 1.27 10.06
CA ALA A 337 5.24 1.73 9.70
C ALA A 337 6.34 0.88 10.40
N ARG A 338 7.38 0.54 9.66
CA ARG A 338 8.52 -0.25 10.13
C ARG A 338 9.78 0.25 9.43
N TRP A 339 10.92 0.08 10.12
CA TRP A 339 12.23 0.44 9.62
C TRP A 339 13.11 -0.84 9.75
N ARG A 340 13.73 -1.24 8.64
CA ARG A 340 14.53 -2.44 8.59
C ARG A 340 15.99 -2.16 8.88
N TYR A 341 16.57 -3.03 9.69
CA TYR A 341 17.97 -2.94 10.09
C TYR A 341 18.63 -4.31 9.87
N GLY A 342 19.93 -4.31 9.68
CA GLY A 342 20.69 -5.54 9.48
C GLY A 342 21.73 -5.53 10.59
N VAL A 343 22.03 -6.68 11.19
CA VAL A 343 23.01 -6.77 12.29
C VAL A 343 23.81 -8.08 12.17
N SER A 344 25.07 -8.02 12.59
CA SER A 344 26.00 -9.16 12.60
C SER A 344 26.60 -9.21 13.97
N ILE A 345 26.39 -10.34 14.64
CA ILE A 345 26.91 -10.58 15.99
C ILE A 345 28.05 -11.60 15.95
N THR A 346 29.19 -11.21 16.49
CA THR A 346 30.35 -12.08 16.59
C THR A 346 30.33 -12.43 18.07
N LEU A 347 30.09 -13.71 18.36
CA LEU A 347 29.95 -14.16 19.74
C LEU A 347 31.25 -14.28 20.52
N SER A 348 31.14 -14.17 21.84
CA SER A 348 32.24 -14.29 22.76
C SER A 348 31.79 -15.12 23.99
N GLY A 349 32.66 -15.31 24.97
CA GLY A 349 32.30 -16.04 26.17
C GLY A 349 32.50 -17.53 26.05
N LYS A 350 31.47 -18.29 26.40
CA LYS A 350 31.58 -19.74 26.35
C LYS A 350 30.47 -20.32 25.50
N ARG A 351 30.69 -21.54 25.03
CA ARG A 351 29.70 -22.23 24.23
C ARG A 351 28.40 -22.47 25.01
N ALA A 352 27.27 -22.35 24.32
CA ALA A 352 25.96 -22.55 24.92
C ALA A 352 24.95 -22.64 23.81
N THR A 353 23.76 -23.13 24.10
CA THR A 353 22.72 -23.24 23.10
C THR A 353 21.66 -22.25 23.52
N GLY A 354 21.12 -21.52 22.56
CA GLY A 354 20.10 -20.55 22.93
C GLY A 354 19.76 -19.59 21.82
N GLN A 355 18.98 -18.57 22.20
CA GLN A 355 18.52 -17.53 21.30
C GLN A 355 19.25 -16.23 21.62
N ALA A 356 20.06 -15.77 20.68
CA ALA A 356 20.79 -14.51 20.81
C ALA A 356 19.87 -13.39 20.27
N LYS A 357 19.78 -12.29 20.99
CA LYS A 357 18.91 -11.16 20.67
C LYS A 357 19.69 -9.84 20.69
N VAL A 358 19.12 -8.80 20.06
CA VAL A 358 19.78 -7.49 20.01
C VAL A 358 18.73 -6.37 19.98
N ALA A 359 19.03 -5.26 20.63
CA ALA A 359 18.15 -4.09 20.63
C ALA A 359 19.07 -2.91 20.34
N LEU A 360 18.61 -1.96 19.53
CA LEU A 360 19.39 -0.80 19.18
C LEU A 360 18.92 0.39 19.99
N PHE A 361 19.88 1.20 20.43
CA PHE A 361 19.57 2.38 21.20
C PHE A 361 20.24 3.55 20.49
N GLY A 362 19.41 4.46 19.98
CA GLY A 362 19.93 5.62 19.28
C GLY A 362 19.42 6.95 19.80
N SER A 363 19.76 8.02 19.08
CA SER A 363 19.36 9.38 19.45
C SER A 363 17.86 9.59 19.51
N LYS A 364 17.10 8.96 18.63
CA LYS A 364 15.64 9.13 18.61
C LYS A 364 14.84 8.12 19.43
N GLY A 365 15.52 7.17 20.07
CA GLY A 365 14.83 6.15 20.87
C GLY A 365 15.43 4.77 20.70
N ASN A 366 14.74 3.74 21.17
CA ASN A 366 15.27 2.39 21.06
C ASN A 366 14.24 1.39 20.58
N THR A 367 14.73 0.27 20.04
CA THR A 367 13.87 -0.79 19.54
C THR A 367 13.63 -1.84 20.62
N HIS A 368 12.77 -2.82 20.30
CA HIS A 368 12.55 -3.94 21.22
C HIS A 368 13.69 -4.93 20.95
N GLN A 369 13.72 -6.02 21.71
CA GLN A 369 14.76 -7.04 21.51
C GLN A 369 14.34 -7.92 20.32
N PHE A 370 15.25 -8.09 19.35
CA PHE A 370 14.96 -8.89 18.18
C PHE A 370 15.81 -10.16 18.06
N ASN A 371 15.13 -11.27 17.75
CA ASN A 371 15.77 -12.57 17.54
C ASN A 371 16.77 -12.49 16.39
N ILE A 372 18.05 -12.73 16.66
CA ILE A 372 19.04 -12.70 15.61
C ILE A 372 19.45 -14.11 15.16
N PHE A 373 19.79 -14.97 16.12
CA PHE A 373 20.21 -16.33 15.83
C PHE A 373 19.89 -17.28 16.98
N LYS A 374 19.38 -18.46 16.63
CA LYS A 374 19.04 -19.46 17.63
C LYS A 374 19.73 -20.77 17.29
N GLY A 375 20.41 -21.34 18.28
CA GLY A 375 21.10 -22.58 18.04
C GLY A 375 22.26 -22.69 18.97
N ILE A 376 23.36 -23.23 18.47
CA ILE A 376 24.54 -23.34 19.32
C ILE A 376 25.30 -22.04 19.19
N LEU A 377 25.48 -21.36 20.31
CA LEU A 377 26.19 -20.10 20.37
C LEU A 377 27.64 -20.40 20.71
N LYS A 378 28.50 -20.47 19.69
CA LYS A 378 29.91 -20.77 19.91
C LYS A 378 30.75 -19.50 19.82
N PRO A 379 31.65 -19.29 20.79
CA PRO A 379 32.50 -18.09 20.81
C PRO A 379 33.32 -18.02 19.53
N GLY A 380 33.47 -16.81 19.00
CA GLY A 380 34.25 -16.65 17.79
C GLY A 380 33.47 -16.85 16.51
N SER A 381 32.20 -17.13 16.61
CA SER A 381 31.39 -17.28 15.41
C SER A 381 30.57 -15.98 15.18
N THR A 382 30.09 -15.76 13.96
CA THR A 382 29.34 -14.57 13.61
C THR A 382 28.04 -14.98 12.89
N HIS A 383 26.94 -14.35 13.28
CA HIS A 383 25.61 -14.61 12.73
C HIS A 383 24.91 -13.31 12.45
N SER A 384 24.16 -13.27 11.34
CA SER A 384 23.44 -12.05 10.92
C SER A 384 21.96 -12.26 10.67
N ASN A 385 21.23 -11.18 10.63
CA ASN A 385 19.81 -11.25 10.35
C ASN A 385 19.35 -9.81 10.14
N GLU A 386 18.13 -9.65 9.63
CA GLU A 386 17.56 -8.35 9.40
C GLU A 386 16.23 -8.43 10.10
N PHE A 387 15.81 -7.31 10.65
CA PHE A 387 14.52 -7.28 11.32
C PHE A 387 13.87 -5.92 11.05
N ASP A 388 12.55 -5.87 11.19
CA ASP A 388 11.78 -4.63 11.02
C ASP A 388 11.31 -4.12 12.40
N ALA A 389 11.90 -3.00 12.79
CA ALA A 389 11.59 -2.35 14.05
C ALA A 389 10.48 -1.29 13.89
N LYS A 390 9.99 -0.80 15.01
CA LYS A 390 8.88 0.15 15.03
C LYS A 390 9.22 1.62 14.90
N LEU A 391 10.51 1.94 14.78
CA LEU A 391 10.93 3.33 14.65
C LEU A 391 12.32 3.38 14.11
N ASP A 392 12.72 4.58 13.66
CA ASP A 392 14.06 4.86 13.17
C ASP A 392 14.71 5.41 14.46
N VAL A 393 15.77 4.74 14.94
CA VAL A 393 16.46 5.12 16.17
C VAL A 393 17.41 6.32 16.02
N GLY A 394 17.51 6.86 14.81
CA GLY A 394 18.37 8.02 14.57
C GLY A 394 19.82 7.58 14.56
N THR A 395 20.69 8.28 15.26
CA THR A 395 22.08 7.86 15.33
C THR A 395 22.17 6.72 16.36
N ILE A 396 22.72 5.59 15.98
CA ILE A 396 22.82 4.46 16.91
C ILE A 396 23.95 4.75 17.89
N GLU A 397 23.62 4.87 19.17
CA GLU A 397 24.58 5.18 20.21
C GLU A 397 25.17 3.98 20.94
N LYS A 398 24.39 2.91 21.06
CA LYS A 398 24.82 1.68 21.73
C LYS A 398 23.84 0.60 21.34
N VAL A 399 24.26 -0.64 21.53
CA VAL A 399 23.46 -1.80 21.21
C VAL A 399 23.43 -2.71 22.43
N LYS A 400 22.31 -3.39 22.64
CA LYS A 400 22.21 -4.29 23.78
C LYS A 400 21.99 -5.73 23.33
N PHE A 401 22.91 -6.59 23.78
CA PHE A 401 22.87 -8.03 23.47
C PHE A 401 22.19 -8.82 24.59
N LEU A 402 21.43 -9.84 24.25
CA LEU A 402 20.77 -10.65 25.27
C LEU A 402 20.59 -12.04 24.70
N TRP A 403 20.69 -13.05 25.56
CA TRP A 403 20.52 -14.42 25.10
C TRP A 403 19.69 -15.19 26.13
N ASN A 404 18.88 -16.09 25.64
CA ASN A 404 18.03 -16.92 26.47
C ASN A 404 18.46 -18.31 26.15
N ASN A 405 18.78 -19.08 27.19
CA ASN A 405 19.24 -20.45 27.01
C ASN A 405 18.11 -21.42 26.74
N ASN A 406 18.50 -22.58 26.25
CA ASN A 406 17.56 -23.64 25.92
C ASN A 406 17.63 -24.83 26.88
N ASN A 409 22.60 -25.31 32.01
CA ASN A 409 24.00 -25.81 32.02
C ASN A 409 24.49 -25.62 33.47
N PRO A 410 24.91 -26.72 34.15
CA PRO A 410 25.38 -26.62 35.53
C PRO A 410 26.56 -25.68 35.75
N THR A 411 27.31 -25.38 34.70
CA THR A 411 28.47 -24.49 34.81
C THR A 411 28.12 -23.01 34.63
N PHE A 412 26.84 -22.74 34.40
CA PHE A 412 26.32 -21.38 34.19
C PHE A 412 27.15 -20.55 33.22
N PRO A 413 27.29 -21.03 31.96
CA PRO A 413 28.06 -20.34 30.92
C PRO A 413 27.63 -18.89 30.76
N LYS A 414 28.58 -18.07 30.35
CA LYS A 414 28.33 -16.67 30.12
C LYS A 414 28.59 -16.46 28.65
N VAL A 415 27.60 -15.88 27.95
CA VAL A 415 27.70 -15.58 26.52
C VAL A 415 27.74 -14.04 26.33
N GLY A 416 28.54 -13.59 25.39
CA GLY A 416 28.62 -12.16 25.14
C GLY A 416 28.71 -11.94 23.63
N ALA A 417 28.93 -10.69 23.24
CA ALA A 417 29.13 -10.34 21.82
C ALA A 417 30.34 -9.41 21.87
N ALA A 418 31.41 -9.84 21.21
CA ALA A 418 32.62 -9.04 21.19
C ALA A 418 32.44 -7.85 20.23
N LYS A 419 31.60 -8.03 19.22
CA LYS A 419 31.34 -6.99 18.24
C LYS A 419 30.01 -7.20 17.52
N ILE A 420 29.24 -6.13 17.43
CA ILE A 420 27.98 -6.12 16.68
C ILE A 420 28.05 -4.97 15.64
N THR A 421 27.91 -5.31 14.35
CA THR A 421 27.87 -4.28 13.29
C THR A 421 26.39 -4.11 12.93
N VAL A 422 25.98 -2.85 12.69
CA VAL A 422 24.60 -2.48 12.37
C VAL A 422 24.53 -1.70 11.06
N GLN A 423 23.51 -2.02 10.27
CA GLN A 423 23.30 -1.36 8.97
C GLN A 423 21.85 -0.91 8.85
N LYS A 424 21.64 0.40 8.76
CA LYS A 424 20.31 0.99 8.59
C LYS A 424 20.03 0.84 7.09
N GLY A 425 18.82 0.48 6.71
CA GLY A 425 18.52 0.26 5.30
C GLY A 425 18.77 1.43 4.37
N GLU A 426 18.57 2.63 4.87
CA GLU A 426 18.72 3.83 4.07
C GLU A 426 20.07 4.50 4.15
N GLU A 427 21.07 3.82 4.70
CA GLU A 427 22.40 4.41 4.81
C GLU A 427 23.39 3.59 4.03
N LYS A 428 24.51 4.21 3.68
CA LYS A 428 25.53 3.49 2.92
C LYS A 428 26.58 2.87 3.84
N THR A 429 26.82 3.48 5.00
CA THR A 429 27.82 2.94 5.91
C THR A 429 27.29 1.88 6.92
N VAL A 430 28.22 1.35 7.70
CA VAL A 430 27.98 0.36 8.75
C VAL A 430 28.49 0.93 10.09
N HIS A 431 27.85 0.54 11.19
CA HIS A 431 28.28 1.01 12.50
C HIS A 431 28.70 -0.18 13.38
N SER A 432 29.87 -0.06 14.01
CA SER A 432 30.46 -1.09 14.86
C SER A 432 30.38 -0.75 16.34
N PHE A 433 29.98 -1.73 17.14
CA PHE A 433 29.85 -1.62 18.59
C PHE A 433 30.59 -2.85 19.16
N CYS A 434 31.27 -2.69 20.29
CA CYS A 434 32.07 -3.77 20.90
C CYS A 434 31.94 -3.92 22.41
N SER A 435 32.45 -5.04 22.91
CA SER A 435 32.51 -5.37 24.33
C SER A 435 33.45 -6.56 24.56
N GLU A 436 34.05 -6.56 25.74
CA GLU A 436 34.94 -7.64 26.16
C GLU A 436 34.26 -8.43 27.29
N SER A 437 33.03 -8.04 27.62
CA SER A 437 32.25 -8.65 28.68
C SER A 437 31.29 -9.68 28.18
N THR A 438 30.79 -10.50 29.09
CA THR A 438 29.86 -11.57 28.75
C THR A 438 28.82 -11.51 29.83
N VAL A 439 27.67 -12.10 29.59
CA VAL A 439 26.62 -12.07 30.59
C VAL A 439 25.93 -13.42 30.65
N ARG A 440 25.17 -13.64 31.71
CA ARG A 440 24.41 -14.88 31.85
C ARG A 440 23.11 -14.70 31.10
N GLU A 441 22.43 -15.81 30.90
CA GLU A 441 21.15 -15.82 30.22
C GLU A 441 20.19 -14.80 30.82
N ASP A 442 19.49 -14.10 29.94
CA ASP A 442 18.50 -13.09 30.31
C ASP A 442 19.04 -11.83 30.99
N VAL A 443 20.32 -11.52 30.75
CA VAL A 443 20.97 -10.33 31.31
C VAL A 443 21.41 -9.49 30.10
N LEU A 444 21.13 -8.19 30.13
CA LEU A 444 21.48 -7.27 29.04
C LEU A 444 22.91 -6.81 29.09
N LEU A 445 23.61 -6.97 27.97
CA LEU A 445 25.01 -6.58 27.83
C LEU A 445 25.03 -5.39 26.87
N THR A 446 25.68 -4.32 27.28
CA THR A 446 25.77 -3.14 26.45
C THR A 446 27.09 -3.03 25.70
N LEU A 447 27.00 -2.87 24.39
CA LEU A 447 28.16 -2.68 23.54
C LEU A 447 28.18 -1.19 23.17
N THR A 448 29.39 -0.63 23.12
CA THR A 448 29.63 0.77 22.81
C THR A 448 30.42 0.89 21.50
N PRO A 449 30.47 2.09 20.90
CA PRO A 449 31.19 2.35 19.65
C PRO A 449 32.63 1.84 19.57
N CYS A 450 33.02 1.29 18.42
CA CYS A 450 34.39 0.84 18.21
C CYS A 450 34.84 0.85 16.73
C1 NAG B . -17.01 25.93 -19.87
C2 NAG B . -18.18 26.89 -20.12
C3 NAG B . -18.99 26.47 -21.33
C4 NAG B . -18.09 26.30 -22.56
C5 NAG B . -16.96 25.31 -22.20
C6 NAG B . -15.96 25.08 -23.34
C7 NAG B . -19.44 28.08 -18.46
C8 NAG B . -20.36 28.01 -17.25
N2 NAG B . -19.06 26.92 -18.97
O3 NAG B . -19.99 27.43 -21.61
O4 NAG B . -18.86 25.80 -23.65
O5 NAG B . -16.21 25.80 -21.07
O6 NAG B . -15.18 26.25 -23.62
O7 NAG B . -19.05 29.16 -18.90
CA CA C . -5.66 1.75 -18.77
#